data_8ONX
#
_entry.id   8ONX
#
_cell.length_a   59.938
_cell.length_b   73.806
_cell.length_c   82.049
_cell.angle_alpha   90.00
_cell.angle_beta   90.00
_cell.angle_gamma   90.00
#
_symmetry.space_group_name_H-M   'P 21 21 21'
#
loop_
_entity.id
_entity.type
_entity.pdbx_description
1 polymer 'Methionine aminopeptidase 2'
2 non-polymer 'MANGANESE (II) ION'
3 water water
#
_entity_poly.entity_id   1
_entity_poly.type   'polypeptide(L)'
_entity_poly.pdbx_seq_one_letter_code
;PGSGSPTQQSDPPRVLISHLFPDGKYPAGEEVEYVNENRYRTTSEEKRYLDNMQSEFLNDYRQAAEVHRQVRKWAQGFVK
PGKSLIEISEGIEDSVRALVGHPGLEEGDALKAGMGFPVGLSINHCAAHYNPNSGNKIVLQQDDVIKIDIGVHVNGRIVD
SAFTMAWNDQFNPLLEAVRAATNAGIREAGIDARVGEIGGVIQEVMESYEVEINGKTYPVKPIRNLNGHNILPYSIHGTK
SVPIVKTHDQTKMEEGDVFAIETFGSTGKGYVIESGEVSHYALRGDAPKVDLRLSSAKSLLNVIKRHFGTLPFCRRFLDR
LGQEKYLLGLNNLVSNGIVEDYPPLVDEKGSYTAQFEHTILIRPTVKEVISRGDDY
;
_entity_poly.pdbx_strand_id   A
#
loop_
_chem_comp.id
_chem_comp.type
_chem_comp.name
_chem_comp.formula
MN non-polymer 'MANGANESE (II) ION' 'Mn 2'
#
# COMPACT_ATOMS: atom_id res chain seq x y z
N PRO A 6 -14.52 12.88 -24.78
CA PRO A 6 -13.84 14.16 -25.00
C PRO A 6 -12.39 14.20 -24.50
N THR A 7 -12.20 14.02 -23.19
CA THR A 7 -10.88 14.01 -22.56
C THR A 7 -10.91 12.91 -21.50
N GLN A 8 -10.32 11.75 -21.81
CA GLN A 8 -10.40 10.59 -20.93
C GLN A 8 -9.04 9.92 -20.81
N GLN A 9 -8.89 9.05 -19.81
CA GLN A 9 -7.67 8.26 -19.67
C GLN A 9 -7.61 7.15 -20.72
N SER A 10 -6.39 6.76 -21.08
CA SER A 10 -6.13 5.76 -22.10
C SER A 10 -5.99 4.36 -21.50
N ASP A 11 -5.79 3.34 -22.34
CA ASP A 11 -5.69 1.95 -21.94
C ASP A 11 -4.43 1.33 -22.54
N PRO A 12 -3.37 1.13 -21.77
CA PRO A 12 -3.22 1.45 -20.33
C PRO A 12 -3.07 2.96 -20.14
N PRO A 13 -3.15 3.40 -18.88
CA PRO A 13 -3.13 4.84 -18.61
C PRO A 13 -1.80 5.47 -18.97
N ARG A 14 -1.86 6.49 -19.85
CA ARG A 14 -0.69 7.24 -20.28
C ARG A 14 -0.92 8.74 -20.30
N VAL A 15 -2.13 9.20 -20.05
CA VAL A 15 -2.46 10.63 -20.12
C VAL A 15 -2.04 11.27 -18.81
N LEU A 16 -1.21 12.30 -18.88
N LEU A 16 -1.21 12.30 -18.88
CA LEU A 16 -0.79 13.02 -17.69
CA LEU A 16 -0.76 13.02 -17.69
C LEU A 16 -2.01 13.38 -16.86
C LEU A 16 -1.95 13.46 -16.87
N ILE A 17 -1.93 13.14 -15.56
CA ILE A 17 -3.09 13.38 -14.73
C ILE A 17 -3.46 14.86 -14.74
N SER A 18 -2.49 15.75 -14.85
CA SER A 18 -2.80 17.18 -14.87
C SER A 18 -3.60 17.59 -16.10
N HIS A 19 -3.46 16.86 -17.22
N HIS A 19 -3.47 16.86 -17.21
CA HIS A 19 -4.28 17.17 -18.39
CA HIS A 19 -4.28 17.16 -18.38
C HIS A 19 -5.75 16.87 -18.13
C HIS A 19 -5.75 16.87 -18.12
N LEU A 20 -6.05 15.94 -17.22
CA LEU A 20 -7.42 15.56 -16.93
C LEU A 20 -8.05 16.44 -15.85
N PHE A 21 -7.25 17.28 -15.19
CA PHE A 21 -7.72 18.18 -14.12
C PHE A 21 -7.10 19.54 -14.39
N PRO A 22 -7.63 20.28 -15.37
CA PRO A 22 -6.90 21.44 -15.90
C PRO A 22 -6.81 22.61 -14.96
N ASP A 23 -7.63 22.67 -13.90
CA ASP A 23 -7.43 23.70 -12.89
C ASP A 23 -6.39 23.31 -11.85
N GLY A 24 -5.78 22.13 -12.00
CA GLY A 24 -4.75 21.72 -11.07
C GLY A 24 -5.23 21.23 -9.74
N LYS A 25 -6.55 21.09 -9.55
CA LYS A 25 -7.13 20.64 -8.29
C LYS A 25 -7.66 19.22 -8.48
N TYR A 26 -7.28 18.33 -7.58
CA TYR A 26 -7.69 16.95 -7.71
C TYR A 26 -8.83 16.61 -6.77
N PRO A 27 -9.64 15.63 -7.14
CA PRO A 27 -10.86 15.34 -6.39
C PRO A 27 -10.59 14.89 -4.97
N ALA A 28 -11.39 15.37 -4.04
CA ALA A 28 -11.38 14.82 -2.70
C ALA A 28 -11.90 13.38 -2.71
N GLY A 29 -11.44 12.59 -1.75
CA GLY A 29 -11.98 11.27 -1.55
C GLY A 29 -13.26 11.36 -0.76
N GLU A 30 -13.64 10.25 -0.13
CA GLU A 30 -14.86 10.19 0.67
C GLU A 30 -14.63 11.00 1.94
N GLU A 31 -15.42 12.04 2.15
CA GLU A 31 -15.30 12.89 3.33
C GLU A 31 -16.41 12.55 4.32
N VAL A 32 -16.04 12.26 5.56
CA VAL A 32 -16.94 11.78 6.59
C VAL A 32 -16.75 12.68 7.79
N GLU A 33 -17.86 13.18 8.33
CA GLU A 33 -17.79 13.95 9.57
C GLU A 33 -17.37 13.09 10.74
N TYR A 34 -16.60 13.70 11.65
CA TYR A 34 -16.34 13.04 12.91
C TYR A 34 -17.61 13.01 13.75
N VAL A 35 -17.68 12.05 14.65
CA VAL A 35 -18.90 11.87 15.43
C VAL A 35 -18.81 12.62 16.77
N ASN A 36 -19.98 12.93 17.33
CA ASN A 36 -20.18 13.26 18.74
C ASN A 36 -19.31 14.44 19.16
N GLU A 37 -18.41 14.28 20.12
CA GLU A 37 -17.64 15.42 20.64
C GLU A 37 -16.66 16.01 19.64
N ASN A 38 -16.45 15.37 18.47
CA ASN A 38 -15.64 15.95 17.41
C ASN A 38 -16.44 16.44 16.22
N ARG A 39 -17.76 16.34 16.27
CA ARG A 39 -18.61 16.77 15.16
C ARG A 39 -18.51 18.27 14.91
N TYR A 40 -18.20 19.05 15.96
CA TYR A 40 -18.08 20.49 15.80
C TYR A 40 -17.04 20.88 14.76
N ARG A 41 -16.11 19.97 14.44
CA ARG A 41 -15.00 20.31 13.56
C ARG A 41 -15.44 20.64 12.14
N THR A 42 -16.55 20.07 11.67
CA THR A 42 -16.92 20.27 10.27
C THR A 42 -17.15 21.74 9.96
N THR A 43 -17.83 22.44 10.87
CA THR A 43 -18.25 23.82 10.66
C THR A 43 -17.42 24.81 11.46
N SER A 44 -16.46 24.33 12.25
CA SER A 44 -15.61 25.21 13.03
C SER A 44 -14.79 26.10 12.12
N GLU A 45 -14.92 27.41 12.27
CA GLU A 45 -14.16 28.32 11.43
C GLU A 45 -12.67 28.17 11.73
N GLU A 46 -12.31 27.90 12.97
CA GLU A 46 -10.91 27.70 13.33
C GLU A 46 -10.33 26.47 12.64
N LYS A 47 -11.03 25.34 12.73
CA LYS A 47 -10.54 24.12 12.10
C LYS A 47 -10.58 24.19 10.59
N ARG A 48 -11.59 24.87 10.02
CA ARG A 48 -11.61 25.06 8.58
C ARG A 48 -10.42 25.89 8.11
N TYR A 49 -10.08 26.94 8.85
CA TYR A 49 -8.94 27.75 8.45
C TYR A 49 -7.66 26.95 8.57
N LEU A 50 -7.55 26.16 9.64
CA LEU A 50 -6.35 25.34 9.83
C LEU A 50 -6.22 24.30 8.71
N ASP A 51 -7.33 23.65 8.37
CA ASP A 51 -7.33 22.69 7.27
C ASP A 51 -6.93 23.37 5.97
N ASN A 52 -7.39 24.60 5.75
CA ASN A 52 -7.07 25.30 4.51
C ASN A 52 -5.60 25.72 4.44
N MET A 53 -4.89 25.80 5.57
CA MET A 53 -3.47 26.10 5.52
C MET A 53 -2.71 25.02 4.78
N GLN A 54 -3.21 23.79 4.78
CA GLN A 54 -2.55 22.66 4.16
C GLN A 54 -3.14 22.29 2.81
N SER A 55 -3.63 23.27 2.07
CA SER A 55 -4.27 22.98 0.79
C SER A 55 -3.32 22.27 -0.18
N GLU A 56 -2.04 22.64 -0.19
CA GLU A 56 -1.13 22.01 -1.13
C GLU A 56 -0.85 20.55 -0.74
N PHE A 57 -0.64 20.29 0.55
CA PHE A 57 -0.56 18.93 1.05
C PHE A 57 -1.76 18.11 0.62
N LEU A 58 -2.96 18.64 0.84
CA LEU A 58 -4.16 17.90 0.49
C LEU A 58 -4.22 17.64 -1.02
N ASN A 59 -3.87 18.65 -1.83
CA ASN A 59 -4.02 18.50 -3.27
C ASN A 59 -3.01 17.51 -3.83
N ASP A 60 -1.79 17.50 -3.28
CA ASP A 60 -0.82 16.47 -3.66
C ASP A 60 -1.31 15.08 -3.28
N TYR A 61 -1.85 14.93 -2.06
CA TYR A 61 -2.39 13.64 -1.64
C TYR A 61 -3.49 13.19 -2.61
N ARG A 62 -4.36 14.12 -2.97
CA ARG A 62 -5.46 13.80 -3.89
C ARG A 62 -4.96 13.47 -5.28
N GLN A 63 -3.90 14.14 -5.74
CA GLN A 63 -3.32 13.74 -7.03
C GLN A 63 -2.85 12.28 -6.97
N ALA A 64 -2.14 11.92 -5.91
CA ALA A 64 -1.66 10.54 -5.78
C ALA A 64 -2.83 9.57 -5.74
N ALA A 65 -3.89 9.93 -5.02
CA ALA A 65 -5.04 9.03 -4.94
C ALA A 65 -5.78 8.88 -6.26
N GLU A 66 -5.86 9.96 -7.05
CA GLU A 66 -6.52 9.85 -8.35
C GLU A 66 -5.69 9.01 -9.31
N VAL A 67 -4.36 9.15 -9.27
CA VAL A 67 -3.50 8.28 -10.06
C VAL A 67 -3.71 6.84 -9.65
N HIS A 68 -3.76 6.60 -8.34
CA HIS A 68 -3.99 5.25 -7.82
C HIS A 68 -5.28 4.68 -8.38
N ARG A 69 -6.38 5.44 -8.29
CA ARG A 69 -7.66 4.96 -8.82
C ARG A 69 -7.58 4.63 -10.31
N GLN A 70 -6.97 5.52 -11.10
CA GLN A 70 -6.97 5.32 -12.56
C GLN A 70 -6.11 4.13 -12.92
N VAL A 71 -4.99 3.94 -12.22
CA VAL A 71 -4.13 2.80 -12.53
C VAL A 71 -4.78 1.50 -12.07
N ARG A 72 -5.41 1.49 -10.89
CA ARG A 72 -6.02 0.26 -10.45
C ARG A 72 -7.26 -0.10 -11.25
N LYS A 73 -7.94 0.90 -11.80
CA LYS A 73 -9.04 0.61 -12.72
C LYS A 73 -8.55 -0.18 -13.92
N TRP A 74 -7.44 0.26 -14.51
CA TRP A 74 -6.83 -0.50 -15.60
C TRP A 74 -6.47 -1.90 -15.13
N ALA A 75 -5.85 -2.00 -13.96
CA ALA A 75 -5.43 -3.31 -13.48
C ALA A 75 -6.62 -4.24 -13.30
N GLN A 76 -7.74 -3.71 -12.79
N GLN A 76 -7.74 -3.71 -12.78
CA GLN A 76 -8.93 -4.54 -12.56
CA GLN A 76 -8.90 -4.58 -12.56
C GLN A 76 -9.50 -5.08 -13.86
C GLN A 76 -9.53 -5.07 -13.86
N GLY A 77 -9.32 -4.37 -14.97
CA GLY A 77 -9.80 -4.84 -16.26
C GLY A 77 -8.81 -5.73 -16.97
N PHE A 78 -7.52 -5.60 -16.64
CA PHE A 78 -6.44 -6.31 -17.32
C PHE A 78 -6.06 -7.61 -16.63
N VAL A 79 -5.93 -7.60 -15.32
CA VAL A 79 -5.42 -8.76 -14.59
C VAL A 79 -6.42 -9.90 -14.68
N LYS A 80 -5.94 -11.03 -15.21
CA LYS A 80 -6.76 -12.22 -15.35
C LYS A 80 -5.83 -13.42 -15.35
N PRO A 81 -6.38 -14.61 -15.12
CA PRO A 81 -5.58 -15.82 -15.35
C PRO A 81 -4.95 -15.79 -16.73
N GLY A 82 -3.67 -16.14 -16.76
CA GLY A 82 -2.87 -16.09 -17.96
C GLY A 82 -1.95 -14.91 -18.07
N LYS A 83 -2.13 -13.88 -17.26
CA LYS A 83 -1.21 -12.76 -17.26
C LYS A 83 -0.03 -13.07 -16.33
N SER A 84 1.14 -12.59 -16.70
CA SER A 84 2.32 -12.80 -15.88
C SER A 84 2.41 -11.74 -14.80
N LEU A 85 2.98 -12.12 -13.66
CA LEU A 85 3.21 -11.15 -12.61
C LEU A 85 4.10 -10.02 -13.07
N ILE A 86 5.12 -10.32 -13.87
CA ILE A 86 6.01 -9.27 -14.35
C ILE A 86 5.24 -8.25 -15.18
N GLU A 87 4.43 -8.71 -16.12
CA GLU A 87 3.74 -7.76 -16.98
C GLU A 87 2.70 -6.95 -16.22
N ILE A 88 2.11 -7.55 -15.19
CA ILE A 88 1.19 -6.80 -14.35
C ILE A 88 1.93 -5.72 -13.59
N SER A 89 3.06 -6.10 -12.97
CA SER A 89 3.79 -5.13 -12.17
C SER A 89 4.32 -4.02 -13.05
N GLU A 90 4.93 -4.39 -14.18
CA GLU A 90 5.48 -3.39 -15.06
C GLU A 90 4.39 -2.50 -15.63
N GLY A 91 3.24 -3.08 -15.93
CA GLY A 91 2.12 -2.29 -16.43
C GLY A 91 1.64 -1.27 -15.44
N ILE A 92 1.55 -1.66 -14.16
CA ILE A 92 1.17 -0.72 -13.11
C ILE A 92 2.21 0.38 -12.98
N GLU A 93 3.49 -0.02 -12.92
CA GLU A 93 4.57 0.93 -12.70
C GLU A 93 4.64 1.96 -13.84
N ASP A 94 4.56 1.47 -15.08
CA ASP A 94 4.66 2.38 -16.23
C ASP A 94 3.49 3.36 -16.25
N SER A 95 2.31 2.88 -15.83
CA SER A 95 1.13 3.74 -15.80
C SER A 95 1.27 4.82 -14.74
N VAL A 96 1.69 4.44 -13.53
CA VAL A 96 1.89 5.43 -12.47
C VAL A 96 2.86 6.51 -12.94
N ARG A 97 4.00 6.08 -13.48
CA ARG A 97 5.03 7.04 -13.83
C ARG A 97 4.57 7.95 -14.95
N ALA A 98 3.82 7.41 -15.92
CA ALA A 98 3.30 8.25 -16.99
C ALA A 98 2.29 9.26 -16.47
N LEU A 99 1.42 8.84 -15.56
CA LEU A 99 0.37 9.75 -15.11
C LEU A 99 0.92 10.89 -14.27
N VAL A 100 1.94 10.62 -13.45
CA VAL A 100 2.51 11.70 -12.65
C VAL A 100 3.53 12.52 -13.43
N GLY A 101 3.99 12.01 -14.57
CA GLY A 101 4.93 12.73 -15.41
C GLY A 101 6.38 12.63 -15.00
N HIS A 102 6.78 11.52 -14.38
CA HIS A 102 8.13 11.38 -13.86
C HIS A 102 8.63 9.98 -14.19
N PRO A 103 9.47 9.85 -15.23
CA PRO A 103 10.00 8.51 -15.57
C PRO A 103 10.83 7.86 -14.48
N GLY A 104 11.37 8.65 -13.55
CA GLY A 104 12.12 8.06 -12.46
C GLY A 104 13.41 7.40 -12.87
N LEU A 105 14.10 7.96 -13.87
CA LEU A 105 15.42 7.47 -14.28
C LEU A 105 16.54 8.42 -13.90
N GLU A 106 16.33 9.71 -14.03
CA GLU A 106 17.30 10.69 -13.56
C GLU A 106 17.26 10.75 -12.04
N GLU A 107 18.42 10.95 -11.43
CA GLU A 107 18.47 11.08 -9.98
C GLU A 107 17.51 12.16 -9.52
N GLY A 108 16.76 11.88 -8.46
CA GLY A 108 15.82 12.81 -7.92
C GLY A 108 14.44 12.78 -8.55
N ASP A 109 14.29 12.19 -9.74
CA ASP A 109 13.00 12.30 -10.41
C ASP A 109 11.93 11.42 -9.76
N ALA A 110 12.28 10.20 -9.37
CA ALA A 110 11.35 9.32 -8.67
C ALA A 110 10.93 9.86 -7.32
N LEU A 111 11.73 10.73 -6.73
CA LEU A 111 11.41 11.35 -5.45
C LEU A 111 10.47 12.53 -5.62
N LYS A 112 10.25 13.01 -6.85
CA LYS A 112 9.25 14.06 -7.06
C LYS A 112 7.86 13.45 -7.03
N ALA A 113 7.66 12.33 -7.70
CA ALA A 113 6.39 11.65 -7.72
C ALA A 113 6.60 10.31 -8.41
N GLY A 114 5.72 9.36 -8.11
CA GLY A 114 5.79 8.07 -8.75
C GLY A 114 5.44 6.94 -7.84
N MET A 115 6.12 5.82 -7.95
CA MET A 115 5.84 4.69 -7.10
C MET A 115 6.17 5.02 -5.66
N GLY A 116 5.24 4.71 -4.75
CA GLY A 116 5.48 4.94 -3.33
C GLY A 116 6.24 3.81 -2.68
N PHE A 117 6.13 2.61 -3.24
CA PHE A 117 6.74 1.38 -2.75
C PHE A 117 6.49 0.33 -3.83
N PRO A 118 7.09 -0.85 -3.74
CA PRO A 118 6.91 -1.84 -4.81
C PRO A 118 5.47 -2.32 -4.89
N VAL A 119 5.10 -2.81 -6.06
CA VAL A 119 3.76 -3.38 -6.24
C VAL A 119 3.72 -4.73 -5.55
N GLY A 120 2.82 -4.88 -4.57
CA GLY A 120 2.58 -6.18 -3.99
C GLY A 120 1.69 -6.98 -4.90
N LEU A 121 2.14 -8.19 -5.25
CA LEU A 121 1.39 -9.14 -6.06
C LEU A 121 1.49 -10.48 -5.36
N SER A 122 0.64 -10.71 -4.37
CA SER A 122 0.81 -11.79 -3.42
C SER A 122 -0.34 -12.77 -3.58
N ILE A 123 -0.02 -14.04 -3.83
CA ILE A 123 -0.99 -15.06 -4.23
C ILE A 123 -1.24 -16.09 -3.13
N ASN A 124 -2.53 -16.40 -2.92
CA ASN A 124 -3.02 -17.52 -2.10
C ASN A 124 -2.55 -17.41 -0.66
N HIS A 125 -1.70 -18.34 -0.21
CA HIS A 125 -1.24 -18.28 1.17
C HIS A 125 -0.25 -17.15 1.42
N CYS A 126 0.30 -16.54 0.38
CA CYS A 126 1.13 -15.35 0.55
C CYS A 126 0.22 -14.13 0.68
N ALA A 127 0.34 -13.41 1.79
CA ALA A 127 -0.53 -12.28 2.07
C ALA A 127 0.04 -10.96 1.58
N ALA A 128 1.37 -10.82 1.54
CA ALA A 128 1.97 -9.52 1.31
C ALA A 128 3.44 -9.67 0.95
N HIS A 129 3.97 -8.61 0.34
CA HIS A 129 5.40 -8.38 0.15
C HIS A 129 6.04 -9.32 -0.87
N TYR A 130 5.26 -9.87 -1.79
CA TYR A 130 5.82 -10.52 -2.96
C TYR A 130 5.81 -9.56 -4.15
N ASN A 131 6.92 -9.49 -4.87
CA ASN A 131 7.00 -8.80 -6.16
C ASN A 131 7.97 -9.62 -7.02
N PRO A 132 7.64 -9.87 -8.28
CA PRO A 132 8.53 -10.68 -9.10
C PRO A 132 9.85 -9.96 -9.31
N ASN A 133 10.95 -10.70 -9.15
CA ASN A 133 12.25 -10.18 -9.56
C ASN A 133 12.48 -10.48 -11.04
N SER A 134 13.60 -9.98 -11.56
N SER A 134 13.55 -9.92 -11.59
CA SER A 134 13.92 -10.17 -12.98
CA SER A 134 13.78 -10.09 -13.03
C SER A 134 13.86 -11.64 -13.36
C SER A 134 13.89 -11.56 -13.39
N GLY A 135 13.33 -11.91 -14.55
CA GLY A 135 13.30 -13.27 -15.05
C GLY A 135 12.17 -14.10 -14.49
N ASN A 136 11.32 -13.55 -13.64
CA ASN A 136 10.22 -14.29 -13.07
C ASN A 136 9.26 -14.67 -14.19
N LYS A 137 8.77 -15.92 -14.16
CA LYS A 137 7.91 -16.42 -15.23
C LYS A 137 6.53 -16.80 -14.72
N ILE A 138 6.21 -16.48 -13.47
CA ILE A 138 4.95 -16.90 -12.88
C ILE A 138 3.77 -16.24 -13.59
N VAL A 139 2.78 -17.04 -13.93
CA VAL A 139 1.54 -16.61 -14.55
C VAL A 139 0.38 -16.91 -13.61
N LEU A 140 -0.59 -16.00 -13.56
CA LEU A 140 -1.77 -16.20 -12.73
C LEU A 140 -2.59 -17.37 -13.21
N GLN A 141 -3.11 -18.15 -12.28
CA GLN A 141 -3.96 -19.29 -12.58
C GLN A 141 -5.41 -19.00 -12.20
N GLN A 142 -6.31 -19.84 -12.73
CA GLN A 142 -7.74 -19.64 -12.54
C GLN A 142 -8.13 -19.63 -11.07
N ASP A 143 -7.49 -20.48 -10.26
CA ASP A 143 -7.83 -20.64 -8.85
C ASP A 143 -6.95 -19.81 -7.92
N ASP A 144 -6.33 -18.75 -8.42
CA ASP A 144 -5.51 -17.89 -7.59
C ASP A 144 -6.31 -16.75 -6.98
N VAL A 145 -5.87 -16.33 -5.81
CA VAL A 145 -6.39 -15.19 -5.09
C VAL A 145 -5.21 -14.25 -4.95
N ILE A 146 -5.25 -13.10 -5.62
CA ILE A 146 -4.11 -12.19 -5.66
C ILE A 146 -4.44 -10.89 -4.97
N LYS A 147 -3.53 -10.45 -4.12
CA LYS A 147 -3.60 -9.17 -3.43
C LYS A 147 -2.70 -8.21 -4.19
N ILE A 148 -3.27 -7.11 -4.61
CA ILE A 148 -2.57 -6.10 -5.41
C ILE A 148 -2.47 -4.87 -4.55
N ASP A 149 -1.26 -4.52 -4.10
CA ASP A 149 -1.02 -3.44 -3.16
C ASP A 149 -0.19 -2.40 -3.87
N ILE A 150 -0.81 -1.28 -4.19
CA ILE A 150 -0.22 -0.24 -4.99
C ILE A 150 -0.01 1.01 -4.16
N GLY A 151 1.19 1.57 -4.22
CA GLY A 151 1.51 2.83 -3.59
C GLY A 151 1.90 3.89 -4.60
N VAL A 152 1.29 5.06 -4.51
CA VAL A 152 1.61 6.20 -5.36
C VAL A 152 1.95 7.37 -4.46
N HIS A 153 3.00 8.12 -4.77
CA HIS A 153 3.31 9.32 -4.02
C HIS A 153 3.45 10.52 -4.95
N VAL A 154 3.08 11.69 -4.43
CA VAL A 154 3.39 12.98 -5.03
C VAL A 154 4.05 13.82 -3.94
N ASN A 155 5.28 14.27 -4.17
CA ASN A 155 6.03 15.08 -3.23
C ASN A 155 6.13 14.43 -1.85
N GLY A 156 6.16 13.10 -1.84
CA GLY A 156 6.30 12.36 -0.59
C GLY A 156 5.00 12.08 0.14
N ARG A 157 3.87 12.51 -0.40
CA ARG A 157 2.55 12.18 0.13
C ARG A 157 2.17 10.84 -0.47
N ILE A 158 2.17 9.79 0.34
CA ILE A 158 2.03 8.43 -0.13
C ILE A 158 0.62 7.91 0.10
N VAL A 159 -0.03 7.48 -0.97
CA VAL A 159 -1.30 6.77 -0.91
C VAL A 159 -1.03 5.28 -1.00
N ASP A 160 -1.43 4.56 0.03
CA ASP A 160 -1.33 3.12 0.11
C ASP A 160 -2.74 2.55 0.06
N SER A 161 -3.06 1.83 -1.00
CA SER A 161 -4.37 1.20 -1.08
C SER A 161 -4.24 -0.10 -1.86
N ALA A 162 -5.06 -1.07 -1.48
CA ALA A 162 -4.87 -2.44 -1.92
C ALA A 162 -6.22 -3.13 -2.00
N PHE A 163 -6.31 -4.12 -2.88
CA PHE A 163 -7.52 -4.91 -3.06
C PHE A 163 -7.13 -6.31 -3.48
N THR A 164 -8.09 -7.20 -3.48
CA THR A 164 -7.88 -8.59 -3.86
C THR A 164 -8.76 -8.95 -5.04
N MET A 165 -8.24 -9.79 -5.92
CA MET A 165 -8.96 -10.33 -7.05
C MET A 165 -8.97 -11.85 -7.00
N ALA A 166 -10.01 -12.45 -7.53
CA ALA A 166 -10.13 -13.89 -7.68
C ALA A 166 -11.08 -14.16 -8.83
N TRP A 167 -11.04 -15.39 -9.34
CA TRP A 167 -11.81 -15.78 -10.51
C TRP A 167 -12.66 -17.02 -10.28
N ASN A 168 -12.45 -17.73 -9.18
CA ASN A 168 -13.26 -18.86 -8.78
C ASN A 168 -14.20 -18.36 -7.68
N ASP A 169 -15.50 -18.47 -7.94
CA ASP A 169 -16.49 -17.88 -7.04
C ASP A 169 -16.42 -18.44 -5.62
N GLN A 170 -15.81 -19.61 -5.41
CA GLN A 170 -15.76 -20.14 -4.06
C GLN A 170 -15.01 -19.22 -3.12
N PHE A 171 -14.13 -18.36 -3.65
CA PHE A 171 -13.35 -17.48 -2.79
C PHE A 171 -14.08 -16.18 -2.46
N ASN A 172 -15.20 -15.90 -3.11
CA ASN A 172 -15.87 -14.63 -2.89
C ASN A 172 -16.16 -14.33 -1.44
N PRO A 173 -16.61 -15.28 -0.60
CA PRO A 173 -16.90 -14.93 0.80
C PRO A 173 -15.68 -14.44 1.54
N LEU A 174 -14.49 -14.96 1.21
CA LEU A 174 -13.27 -14.47 1.85
C LEU A 174 -12.99 -13.03 1.47
N LEU A 175 -13.08 -12.72 0.18
CA LEU A 175 -12.91 -11.33 -0.25
C LEU A 175 -13.94 -10.42 0.40
N GLU A 176 -15.20 -10.87 0.45
CA GLU A 176 -16.25 -10.02 1.02
C GLU A 176 -15.98 -9.78 2.50
N ALA A 177 -15.53 -10.81 3.21
CA ALA A 177 -15.26 -10.67 4.64
C ALA A 177 -14.23 -9.57 4.88
N VAL A 178 -13.14 -9.60 4.11
CA VAL A 178 -12.05 -8.67 4.34
C VAL A 178 -12.43 -7.26 3.92
N ARG A 179 -13.14 -7.13 2.80
CA ARG A 179 -13.63 -5.82 2.43
C ARG A 179 -14.53 -5.24 3.51
N ALA A 180 -15.43 -6.07 4.06
CA ALA A 180 -16.32 -5.59 5.11
C ALA A 180 -15.53 -5.19 6.35
N ALA A 181 -14.51 -5.97 6.70
CA ALA A 181 -13.74 -5.66 7.89
C ALA A 181 -12.96 -4.37 7.72
N THR A 182 -12.37 -4.18 6.52
CA THR A 182 -11.68 -2.91 6.26
C THR A 182 -12.64 -1.74 6.36
N ASN A 183 -13.82 -1.88 5.76
CA ASN A 183 -14.79 -0.79 5.83
C ASN A 183 -15.26 -0.52 7.26
N ALA A 184 -15.39 -1.56 8.09
CA ALA A 184 -15.73 -1.34 9.49
C ALA A 184 -14.63 -0.60 10.22
N GLY A 185 -13.37 -0.97 9.95
CA GLY A 185 -12.28 -0.24 10.56
C GLY A 185 -12.24 1.22 10.16
N ILE A 186 -12.49 1.49 8.88
CA ILE A 186 -12.51 2.87 8.41
C ILE A 186 -13.62 3.65 9.08
N ARG A 187 -14.79 3.03 9.23
CA ARG A 187 -15.92 3.69 9.88
C ARG A 187 -15.60 4.05 11.34
N GLU A 188 -14.86 3.18 12.03
CA GLU A 188 -14.52 3.45 13.42
C GLU A 188 -13.46 4.52 13.57
N ALA A 189 -12.61 4.68 12.57
CA ALA A 189 -11.54 5.66 12.63
C ALA A 189 -12.08 7.08 12.79
N GLY A 190 -11.33 7.90 13.48
CA GLY A 190 -11.66 9.29 13.70
C GLY A 190 -10.79 9.83 14.81
N ILE A 191 -10.82 11.15 14.96
CA ILE A 191 -10.08 11.79 16.05
C ILE A 191 -10.48 11.16 17.37
N ASP A 192 -9.51 10.82 18.19
CA ASP A 192 -9.62 10.28 19.53
C ASP A 192 -9.96 8.78 19.53
N ALA A 193 -10.13 8.15 18.37
CA ALA A 193 -10.40 6.71 18.36
C ALA A 193 -9.15 5.96 18.81
N ARG A 194 -9.33 4.94 19.63
CA ARG A 194 -8.22 4.15 20.15
C ARG A 194 -7.99 2.95 19.27
N VAL A 195 -6.74 2.75 18.86
CA VAL A 195 -6.46 1.81 17.79
C VAL A 195 -6.76 0.37 18.19
N GLY A 196 -6.55 0.01 19.45
CA GLY A 196 -6.87 -1.34 19.88
C GLY A 196 -8.34 -1.64 19.84
N GLU A 197 -9.18 -0.63 20.08
CA GLU A 197 -10.63 -0.80 19.98
C GLU A 197 -11.07 -0.91 18.52
N ILE A 198 -10.45 -0.13 17.62
CA ILE A 198 -10.70 -0.32 16.18
C ILE A 198 -10.40 -1.75 15.79
N GLY A 199 -9.29 -2.30 16.30
CA GLY A 199 -8.93 -3.67 15.96
C GLY A 199 -10.00 -4.66 16.38
N GLY A 200 -10.62 -4.44 17.54
CA GLY A 200 -11.68 -5.33 17.97
C GLY A 200 -12.90 -5.28 17.06
N VAL A 201 -13.24 -4.10 16.57
CA VAL A 201 -14.36 -3.99 15.64
C VAL A 201 -14.04 -4.72 14.33
N ILE A 202 -12.83 -4.49 13.80
CA ILE A 202 -12.39 -5.16 12.58
C ILE A 202 -12.52 -6.67 12.76
N GLN A 203 -12.06 -7.17 13.90
CA GLN A 203 -12.07 -8.61 14.14
C GLN A 203 -13.48 -9.16 14.22
N GLU A 204 -14.37 -8.46 14.93
N GLU A 204 -14.39 -8.47 14.92
CA GLU A 204 -15.74 -8.95 15.07
CA GLU A 204 -15.73 -9.01 15.06
C GLU A 204 -16.42 -9.08 13.72
C GLU A 204 -16.47 -9.06 13.72
N VAL A 205 -16.23 -8.08 12.85
CA VAL A 205 -16.82 -8.13 11.51
C VAL A 205 -16.21 -9.28 10.70
N MET A 206 -14.90 -9.38 10.70
CA MET A 206 -14.27 -10.37 9.84
C MET A 206 -14.64 -11.78 10.27
N GLU A 207 -14.67 -12.02 11.59
CA GLU A 207 -14.93 -13.36 12.12
C GLU A 207 -16.38 -13.78 11.97
N SER A 208 -17.27 -12.88 11.55
CA SER A 208 -18.65 -13.24 11.25
C SER A 208 -18.80 -13.92 9.91
N TYR A 209 -17.70 -14.10 9.18
CA TYR A 209 -17.70 -14.72 7.87
C TYR A 209 -17.03 -16.08 7.91
N GLU A 210 -17.50 -16.97 7.05
CA GLU A 210 -16.84 -18.24 6.80
C GLU A 210 -16.99 -18.56 5.33
N VAL A 211 -16.14 -19.46 4.85
CA VAL A 211 -16.06 -19.75 3.41
C VAL A 211 -15.87 -21.25 3.24
N GLU A 212 -16.61 -21.83 2.32
CA GLU A 212 -16.47 -23.24 2.00
C GLU A 212 -15.51 -23.39 0.83
N ILE A 213 -14.45 -24.17 1.04
CA ILE A 213 -13.47 -24.45 0.00
C ILE A 213 -13.29 -25.96 -0.05
N ASN A 214 -13.52 -26.54 -1.23
CA ASN A 214 -13.35 -27.98 -1.45
C ASN A 214 -14.10 -28.80 -0.40
N GLY A 215 -15.34 -28.40 -0.14
CA GLY A 215 -16.24 -29.16 0.70
C GLY A 215 -16.13 -28.91 2.20
N LYS A 216 -15.12 -28.17 2.64
CA LYS A 216 -14.92 -27.89 4.06
C LYS A 216 -15.13 -26.41 4.32
N THR A 217 -15.77 -26.11 5.45
CA THR A 217 -16.08 -24.73 5.82
C THR A 217 -15.00 -24.20 6.76
N TYR A 218 -14.48 -23.01 6.45
CA TYR A 218 -13.39 -22.41 7.19
C TYR A 218 -13.81 -21.05 7.71
N PRO A 219 -13.67 -20.79 9.01
CA PRO A 219 -13.86 -19.42 9.50
C PRO A 219 -12.81 -18.52 8.89
N VAL A 220 -13.19 -17.28 8.61
CA VAL A 220 -12.21 -16.30 8.19
C VAL A 220 -11.56 -15.73 9.44
N LYS A 221 -10.24 -15.75 9.49
CA LYS A 221 -9.52 -15.27 10.66
C LYS A 221 -8.71 -14.04 10.30
N PRO A 222 -8.72 -12.97 11.08
CA PRO A 222 -7.78 -11.88 10.84
C PRO A 222 -6.36 -12.38 10.98
N ILE A 223 -5.45 -11.85 10.18
CA ILE A 223 -4.04 -12.22 10.33
C ILE A 223 -3.50 -11.36 11.48
N ARG A 224 -3.35 -11.99 12.65
CA ARG A 224 -3.26 -11.21 13.89
C ARG A 224 -1.96 -10.45 14.02
N ASN A 225 -0.90 -10.86 13.31
CA ASN A 225 0.39 -10.18 13.38
C ASN A 225 0.64 -9.26 12.18
N LEU A 226 -0.43 -8.87 11.49
CA LEU A 226 -0.34 -7.81 10.50
C LEU A 226 -1.19 -6.65 11.00
N ASN A 227 -0.82 -5.43 10.59
CA ASN A 227 -1.50 -4.26 11.11
C ASN A 227 -1.37 -3.11 10.14
N GLY A 228 -2.33 -2.19 10.21
CA GLY A 228 -2.19 -0.89 9.57
C GLY A 228 -1.24 -0.02 10.35
N HIS A 229 -1.07 1.22 9.89
CA HIS A 229 -0.03 2.07 10.44
C HIS A 229 -0.31 3.49 9.99
N ASN A 230 0.25 4.46 10.70
CA ASN A 230 0.22 5.81 10.17
C ASN A 230 1.33 5.96 9.13
N ILE A 231 1.18 6.99 8.33
CA ILE A 231 2.04 7.25 7.16
C ILE A 231 2.65 8.62 7.39
N LEU A 232 3.93 8.74 7.11
CA LEU A 232 4.65 9.99 7.28
C LEU A 232 5.21 10.45 5.94
N PRO A 233 5.70 11.69 5.86
CA PRO A 233 6.29 12.17 4.61
C PRO A 233 7.44 11.27 4.18
N TYR A 234 7.38 10.79 2.94
CA TYR A 234 8.41 9.92 2.37
C TYR A 234 8.67 8.66 3.19
N SER A 235 7.75 8.25 4.03
CA SER A 235 8.00 7.11 4.92
C SER A 235 6.70 6.38 5.16
N ILE A 236 6.65 5.12 4.78
CA ILE A 236 5.39 4.39 4.72
C ILE A 236 4.88 4.06 6.10
N HIS A 237 5.77 3.82 7.06
CA HIS A 237 5.41 3.42 8.41
C HIS A 237 5.85 4.48 9.43
N GLY A 238 4.90 4.99 10.19
CA GLY A 238 5.20 5.78 11.36
C GLY A 238 5.24 4.91 12.59
N THR A 239 5.04 5.55 13.75
CA THR A 239 5.12 4.89 15.04
C THR A 239 3.79 4.29 15.51
N LYS A 240 2.68 4.62 14.86
CA LYS A 240 1.37 4.17 15.31
C LYS A 240 0.94 2.98 14.46
N SER A 241 0.25 2.05 15.09
CA SER A 241 -0.25 0.84 14.46
C SER A 241 -1.75 0.80 14.61
N VAL A 242 -2.43 0.17 13.66
CA VAL A 242 -3.85 -0.12 13.76
C VAL A 242 -4.01 -1.63 13.68
N PRO A 243 -4.14 -2.31 14.81
CA PRO A 243 -4.30 -3.77 14.78
C PRO A 243 -5.61 -4.15 14.13
N ILE A 244 -5.70 -5.43 13.75
CA ILE A 244 -6.88 -6.01 13.16
C ILE A 244 -7.48 -7.10 14.03
N VAL A 245 -7.00 -7.20 15.28
CA VAL A 245 -7.66 -7.94 16.34
C VAL A 245 -7.77 -6.98 17.52
N LYS A 246 -8.61 -7.34 18.47
CA LYS A 246 -8.70 -6.53 19.69
C LYS A 246 -7.38 -6.58 20.43
N THR A 247 -6.83 -5.42 20.76
CA THR A 247 -5.67 -5.35 21.62
C THR A 247 -5.91 -4.24 22.62
N HIS A 248 -5.01 -4.16 23.61
CA HIS A 248 -5.07 -3.09 24.59
C HIS A 248 -4.18 -1.90 24.23
N ASP A 249 -3.82 -1.75 22.95
CA ASP A 249 -3.14 -0.54 22.51
C ASP A 249 -4.13 0.62 22.59
N GLN A 250 -3.83 1.62 23.41
CA GLN A 250 -4.72 2.74 23.67
C GLN A 250 -4.34 4.00 22.89
N THR A 251 -3.35 3.88 22.01
CA THR A 251 -2.93 5.00 21.17
C THR A 251 -4.13 5.56 20.41
N LYS A 252 -4.24 6.87 20.43
CA LYS A 252 -5.35 7.54 19.78
C LYS A 252 -4.94 8.10 18.43
N MET A 253 -5.91 8.10 17.51
CA MET A 253 -5.76 8.88 16.29
C MET A 253 -5.86 10.36 16.62
N GLU A 254 -5.02 11.16 16.01
CA GLU A 254 -4.93 12.57 16.28
C GLU A 254 -5.08 13.40 15.02
N GLU A 255 -5.56 14.62 15.18
CA GLU A 255 -5.59 15.60 14.11
C GLU A 255 -4.24 15.66 13.43
N GLY A 256 -4.24 15.54 12.11
CA GLY A 256 -3.03 15.58 11.34
C GLY A 256 -2.45 14.24 11.00
N ASP A 257 -2.95 13.15 11.59
CA ASP A 257 -2.44 11.84 11.25
C ASP A 257 -2.93 11.42 9.87
N VAL A 258 -2.19 10.51 9.27
CA VAL A 258 -2.59 9.82 8.04
C VAL A 258 -2.45 8.35 8.35
N PHE A 259 -3.47 7.55 8.09
CA PHE A 259 -3.42 6.14 8.36
C PHE A 259 -3.67 5.28 7.13
N ALA A 260 -2.89 4.21 7.03
CA ALA A 260 -3.20 3.08 6.15
C ALA A 260 -4.03 2.12 6.99
N ILE A 261 -5.32 2.03 6.70
CA ILE A 261 -6.22 1.08 7.34
C ILE A 261 -6.28 -0.13 6.42
N GLU A 262 -5.60 -1.19 6.81
CA GLU A 262 -5.57 -2.40 6.02
C GLU A 262 -6.01 -3.55 6.88
N THR A 263 -6.73 -4.47 6.31
CA THR A 263 -7.05 -5.70 7.00
C THR A 263 -6.72 -6.87 6.09
N PHE A 264 -6.38 -7.97 6.75
CA PHE A 264 -6.06 -9.22 6.09
C PHE A 264 -6.87 -10.32 6.74
N GLY A 265 -7.46 -11.19 5.93
CA GLY A 265 -8.16 -12.35 6.43
C GLY A 265 -7.57 -13.60 5.84
N SER A 266 -7.71 -14.72 6.54
CA SER A 266 -7.10 -15.96 6.13
C SER A 266 -7.98 -17.13 6.51
N THR A 267 -7.91 -18.18 5.68
CA THR A 267 -8.54 -19.45 6.00
C THR A 267 -7.59 -20.38 6.75
N GLY A 268 -6.36 -19.94 6.99
CA GLY A 268 -5.35 -20.75 7.65
C GLY A 268 -5.26 -20.45 9.14
N LYS A 269 -4.04 -20.24 9.63
CA LYS A 269 -3.85 -19.98 11.05
C LYS A 269 -4.19 -18.55 11.46
N GLY A 270 -4.22 -17.61 10.52
CA GLY A 270 -4.35 -16.23 10.89
C GLY A 270 -3.06 -15.65 11.44
N TYR A 271 -1.93 -16.05 10.87
CA TYR A 271 -0.62 -15.64 11.33
C TYR A 271 0.32 -15.85 10.16
N VAL A 272 1.26 -14.91 9.96
CA VAL A 272 2.19 -15.04 8.84
C VAL A 272 3.61 -15.11 9.36
N ILE A 273 4.45 -15.76 8.56
CA ILE A 273 5.90 -15.81 8.74
C ILE A 273 6.56 -15.35 7.45
N GLU A 274 7.84 -14.96 7.56
CA GLU A 274 8.63 -14.59 6.41
C GLU A 274 9.06 -15.84 5.66
N SER A 275 8.84 -15.86 4.36
CA SER A 275 9.22 -17.02 3.58
C SER A 275 9.22 -16.67 2.10
N GLY A 276 10.29 -17.00 1.41
CA GLY A 276 10.33 -16.86 -0.02
C GLY A 276 11.40 -15.88 -0.48
N GLU A 277 11.46 -15.73 -1.80
CA GLU A 277 12.42 -14.83 -2.41
C GLU A 277 12.12 -13.39 -2.01
N VAL A 278 13.16 -12.65 -1.65
CA VAL A 278 13.01 -11.26 -1.23
C VAL A 278 13.09 -10.33 -2.42
N SER A 279 12.13 -9.38 -2.47
CA SER A 279 12.13 -8.35 -3.50
C SER A 279 12.09 -6.94 -2.93
N HIS A 280 11.55 -6.78 -1.72
CA HIS A 280 11.25 -5.48 -1.14
C HIS A 280 12.31 -5.06 -0.11
N TYR A 281 12.72 -3.79 -0.16
CA TYR A 281 13.75 -3.23 0.71
C TYR A 281 13.42 -1.77 0.99
N ALA A 282 14.04 -1.21 2.02
CA ALA A 282 13.90 0.22 2.25
C ALA A 282 15.09 0.73 3.06
N LEU A 283 15.65 1.86 2.65
CA LEU A 283 16.71 2.52 3.41
C LEU A 283 16.14 3.04 4.69
N ARG A 284 16.78 2.72 5.81
CA ARG A 284 16.34 3.22 7.11
C ARG A 284 16.81 4.66 7.28
N GLY A 285 15.87 5.54 7.65
CA GLY A 285 16.26 6.89 8.02
C GLY A 285 17.14 6.93 9.25
N ASP A 286 16.95 5.99 10.16
CA ASP A 286 17.75 5.85 11.36
C ASP A 286 18.97 4.92 11.17
N ALA A 287 19.55 4.87 9.98
CA ALA A 287 20.63 3.91 9.75
C ALA A 287 21.83 4.28 10.60
N PRO A 288 22.54 3.30 11.16
CA PRO A 288 23.71 3.62 11.99
C PRO A 288 24.92 3.92 11.12
N LYS A 289 25.97 4.44 11.74
CA LYS A 289 27.26 4.61 11.08
C LYS A 289 27.96 3.27 10.95
N VAL A 290 28.50 2.99 9.76
CA VAL A 290 29.09 1.72 9.41
C VAL A 290 30.34 1.99 8.60
N ASP A 291 31.42 1.27 8.92
CA ASP A 291 32.65 1.32 8.11
C ASP A 291 32.50 0.32 6.96
N LEU A 292 31.81 0.76 5.90
CA LEU A 292 31.58 -0.11 4.76
C LEU A 292 32.91 -0.35 4.05
N ARG A 293 33.21 -1.60 3.75
CA ARG A 293 34.42 -1.93 3.01
C ARG A 293 34.15 -2.40 1.59
N LEU A 294 32.98 -2.97 1.32
CA LEU A 294 32.65 -3.39 -0.03
C LEU A 294 32.39 -2.15 -0.89
N SER A 295 33.22 -1.95 -1.91
CA SER A 295 33.01 -0.84 -2.81
C SER A 295 31.58 -0.83 -3.36
N SER A 296 31.03 -2.01 -3.60
CA SER A 296 29.70 -2.11 -4.20
C SER A 296 28.58 -1.80 -3.22
N ALA A 297 28.78 -2.04 -1.92
CA ALA A 297 27.84 -1.55 -0.93
C ALA A 297 27.84 -0.03 -0.90
N LYS A 298 29.02 0.60 -0.99
CA LYS A 298 29.08 2.05 -0.95
C LYS A 298 28.42 2.65 -2.18
N SER A 299 28.68 2.08 -3.36
CA SER A 299 28.09 2.65 -4.57
C SER A 299 26.59 2.43 -4.56
N LEU A 300 26.14 1.24 -4.11
CA LEU A 300 24.71 0.97 -4.09
C LEU A 300 24.00 1.91 -3.13
N LEU A 301 24.61 2.19 -1.99
CA LEU A 301 23.97 3.11 -1.05
C LEU A 301 23.73 4.47 -1.69
N ASN A 302 24.66 4.96 -2.48
CA ASN A 302 24.46 6.24 -3.14
C ASN A 302 23.33 6.16 -4.16
N VAL A 303 23.26 5.06 -4.91
CA VAL A 303 22.15 4.90 -5.86
C VAL A 303 20.82 4.96 -5.12
N ILE A 304 20.72 4.22 -4.01
CA ILE A 304 19.50 4.17 -3.24
C ILE A 304 19.13 5.55 -2.72
N LYS A 305 20.09 6.25 -2.12
CA LYS A 305 19.76 7.53 -1.52
C LYS A 305 19.34 8.55 -2.58
N ARG A 306 19.99 8.51 -3.73
CA ARG A 306 19.73 9.53 -4.74
C ARG A 306 18.47 9.25 -5.53
N HIS A 307 18.01 8.01 -5.55
CA HIS A 307 16.82 7.63 -6.32
C HIS A 307 15.60 7.40 -5.48
N PHE A 308 15.73 6.72 -4.34
CA PHE A 308 14.60 6.32 -3.53
C PHE A 308 14.50 7.05 -2.21
N GLY A 309 15.60 7.60 -1.70
CA GLY A 309 15.57 8.14 -0.37
C GLY A 309 15.08 7.08 0.59
N THR A 310 14.08 7.42 1.40
CA THR A 310 13.47 6.50 2.33
C THR A 310 12.24 5.77 1.78
N LEU A 311 11.89 5.96 0.51
CA LEU A 311 10.79 5.19 -0.05
C LEU A 311 11.23 3.74 -0.26
N PRO A 312 10.38 2.77 0.04
CA PRO A 312 10.76 1.37 -0.27
C PRO A 312 10.95 1.16 -1.77
N PHE A 313 11.83 0.24 -2.10
CA PHE A 313 12.15 -0.09 -3.47
C PHE A 313 12.21 -1.59 -3.61
N CYS A 314 12.31 -2.05 -4.85
CA CYS A 314 12.45 -3.46 -5.14
C CYS A 314 13.63 -3.68 -6.07
N ARG A 315 13.97 -4.94 -6.26
N ARG A 315 13.96 -4.95 -6.28
CA ARG A 315 15.12 -5.26 -7.11
CA ARG A 315 15.12 -5.26 -7.10
C ARG A 315 14.94 -4.73 -8.52
C ARG A 315 14.95 -4.79 -8.54
N ARG A 316 13.75 -4.88 -9.10
CA ARG A 316 13.56 -4.42 -10.47
C ARG A 316 13.72 -2.91 -10.58
N PHE A 317 13.44 -2.17 -9.50
CA PHE A 317 13.68 -0.74 -9.52
C PHE A 317 15.17 -0.42 -9.58
N LEU A 318 16.04 -1.32 -9.12
CA LEU A 318 17.47 -1.18 -9.31
C LEU A 318 17.88 -1.62 -10.71
N ASP A 319 17.32 -2.74 -11.18
CA ASP A 319 17.68 -3.26 -12.49
C ASP A 319 17.46 -2.21 -13.57
N ARG A 320 16.37 -1.46 -13.48
CA ARG A 320 16.02 -0.49 -14.52
C ARG A 320 16.94 0.71 -14.52
N LEU A 321 17.75 0.87 -13.49
CA LEU A 321 18.77 1.89 -13.38
C LEU A 321 20.12 1.37 -13.84
N GLY A 322 20.16 0.19 -14.44
CA GLY A 322 21.40 -0.36 -14.95
C GLY A 322 22.26 -1.00 -13.90
N GLN A 323 21.70 -1.30 -12.73
CA GLN A 323 22.48 -1.96 -11.68
C GLN A 323 22.45 -3.47 -11.92
N GLU A 324 23.63 -4.08 -12.01
CA GLU A 324 23.73 -5.49 -12.36
C GLU A 324 24.50 -6.35 -11.39
N LYS A 325 25.30 -5.78 -10.50
CA LYS A 325 26.21 -6.52 -9.65
C LYS A 325 26.02 -6.12 -8.19
N TYR A 326 24.78 -5.92 -7.79
CA TYR A 326 24.49 -5.22 -6.55
C TYR A 326 24.04 -6.14 -5.42
N LEU A 327 23.79 -7.43 -5.67
N LEU A 327 23.78 -7.42 -5.68
CA LEU A 327 23.20 -8.24 -4.62
CA LEU A 327 23.22 -8.28 -4.64
C LEU A 327 24.15 -8.43 -3.44
C LEU A 327 24.15 -8.38 -3.44
N LEU A 328 25.45 -8.55 -3.68
CA LEU A 328 26.41 -8.62 -2.58
C LEU A 328 26.30 -7.36 -1.71
N GLY A 329 26.33 -6.20 -2.36
CA GLY A 329 26.25 -4.95 -1.64
C GLY A 329 24.93 -4.74 -0.94
N LEU A 330 23.84 -5.17 -1.57
CA LEU A 330 22.52 -5.02 -0.96
C LEU A 330 22.43 -5.87 0.30
N ASN A 331 22.88 -7.13 0.21
CA ASN A 331 22.87 -7.97 1.41
C ASN A 331 23.76 -7.41 2.50
N ASN A 332 24.86 -6.77 2.12
CA ASN A 332 25.75 -6.16 3.09
C ASN A 332 25.11 -4.96 3.78
N LEU A 333 24.38 -4.14 3.02
CA LEU A 333 23.69 -3.03 3.64
C LEU A 333 22.59 -3.52 4.58
N VAL A 334 21.95 -4.64 4.27
CA VAL A 334 20.95 -5.20 5.17
C VAL A 334 21.62 -5.73 6.45
N SER A 335 22.72 -6.48 6.30
N SER A 335 22.72 -6.47 6.30
CA SER A 335 23.37 -7.05 7.46
CA SER A 335 23.36 -7.06 7.47
C SER A 335 23.90 -5.98 8.40
C SER A 335 23.92 -6.00 8.40
N ASN A 336 24.30 -4.84 7.86
CA ASN A 336 24.83 -3.73 8.64
C ASN A 336 23.76 -2.79 9.16
N GLY A 337 22.49 -3.11 8.95
CA GLY A 337 21.45 -2.32 9.56
C GLY A 337 21.13 -1.03 8.85
N ILE A 338 21.60 -0.88 7.60
CA ILE A 338 21.38 0.35 6.84
C ILE A 338 20.10 0.26 6.01
N VAL A 339 19.85 -0.89 5.43
CA VAL A 339 18.66 -1.16 4.63
C VAL A 339 17.89 -2.29 5.31
N GLU A 340 16.58 -2.15 5.35
N GLU A 340 16.57 -2.13 5.38
CA GLU A 340 15.67 -3.16 5.87
CA GLU A 340 15.71 -3.18 5.88
C GLU A 340 15.11 -3.98 4.72
C GLU A 340 15.20 -3.99 4.70
N ASP A 341 15.05 -5.28 4.88
CA ASP A 341 14.43 -6.15 3.89
C ASP A 341 13.06 -6.59 4.40
N TYR A 342 12.16 -6.89 3.47
CA TYR A 342 10.78 -7.21 3.78
C TYR A 342 10.41 -8.45 2.98
N PRO A 343 10.71 -9.64 3.48
CA PRO A 343 10.42 -10.86 2.73
C PRO A 343 8.92 -11.07 2.58
N PRO A 344 8.52 -11.88 1.62
CA PRO A 344 7.11 -12.26 1.52
C PRO A 344 6.61 -12.86 2.81
N LEU A 345 5.35 -12.63 3.11
CA LEU A 345 4.71 -13.07 4.34
C LEU A 345 3.63 -14.07 3.99
N VAL A 346 3.68 -15.25 4.60
CA VAL A 346 2.82 -16.37 4.25
C VAL A 346 2.16 -16.98 5.47
N ASP A 347 0.91 -17.40 5.30
CA ASP A 347 0.21 -18.27 6.23
C ASP A 347 0.52 -19.71 5.79
N GLU A 348 -0.19 -20.68 6.35
CA GLU A 348 0.18 -22.07 6.13
C GLU A 348 -0.11 -22.50 4.70
N LYS A 349 0.64 -23.49 4.24
CA LYS A 349 0.43 -24.00 2.90
C LYS A 349 -1.02 -24.45 2.76
N GLY A 350 -1.61 -24.16 1.60
CA GLY A 350 -2.98 -24.53 1.33
C GLY A 350 -4.01 -23.53 1.75
N SER A 351 -3.62 -22.49 2.50
CA SER A 351 -4.56 -21.47 2.92
C SER A 351 -4.70 -20.38 1.87
N TYR A 352 -5.73 -19.57 2.05
CA TYR A 352 -6.02 -18.43 1.17
C TYR A 352 -6.15 -17.19 2.03
N THR A 353 -5.56 -16.10 1.57
CA THR A 353 -5.57 -14.84 2.29
C THR A 353 -6.07 -13.73 1.36
N ALA A 354 -6.68 -12.71 1.94
CA ALA A 354 -7.18 -11.57 1.20
C ALA A 354 -6.86 -10.30 1.96
N GLN A 355 -6.81 -9.17 1.24
CA GLN A 355 -6.46 -7.88 1.78
C GLN A 355 -7.27 -6.78 1.11
N PHE A 356 -7.73 -5.82 1.90
CA PHE A 356 -8.26 -4.56 1.39
C PHE A 356 -7.68 -3.45 2.25
N GLU A 357 -7.36 -2.32 1.64
CA GLU A 357 -6.70 -1.23 2.35
C GLU A 357 -7.04 0.10 1.73
N HIS A 358 -7.24 1.11 2.57
CA HIS A 358 -7.36 2.50 2.15
C HIS A 358 -6.46 3.38 2.97
N THR A 359 -6.13 4.54 2.46
CA THR A 359 -5.45 5.61 3.19
C THR A 359 -6.49 6.62 3.63
N ILE A 360 -6.44 7.01 4.90
N ILE A 360 -6.39 7.06 4.88
CA ILE A 360 -7.36 7.99 5.44
CA ILE A 360 -7.33 7.96 5.50
C ILE A 360 -6.58 9.15 6.03
C ILE A 360 -6.57 9.15 6.05
N LEU A 361 -7.06 10.36 5.78
CA LEU A 361 -6.49 11.58 6.33
C LEU A 361 -7.37 12.02 7.49
N ILE A 362 -6.75 12.22 8.65
CA ILE A 362 -7.45 12.69 9.86
C ILE A 362 -7.27 14.21 9.87
N ARG A 363 -8.09 14.89 9.08
CA ARG A 363 -7.94 16.33 8.91
C ARG A 363 -8.55 17.07 10.08
N PRO A 364 -8.24 18.36 10.22
CA PRO A 364 -8.86 19.14 11.32
C PRO A 364 -10.36 19.21 11.24
N THR A 365 -10.95 19.17 10.04
CA THR A 365 -12.38 19.28 9.85
C THR A 365 -13.09 17.94 9.76
N VAL A 366 -12.64 17.05 8.87
CA VAL A 366 -13.33 15.81 8.56
C VAL A 366 -12.32 14.69 8.32
N LYS A 367 -12.82 13.47 8.34
CA LYS A 367 -12.05 12.30 7.93
C LYS A 367 -12.16 12.14 6.42
N GLU A 368 -11.04 11.95 5.75
CA GLU A 368 -11.06 11.79 4.28
C GLU A 368 -10.51 10.42 3.92
N VAL A 369 -11.37 9.53 3.40
CA VAL A 369 -10.93 8.22 2.90
C VAL A 369 -10.44 8.51 1.48
N ILE A 370 -9.18 8.90 1.38
CA ILE A 370 -8.73 9.60 0.18
C ILE A 370 -8.70 8.67 -1.02
N SER A 371 -8.48 7.37 -0.80
CA SER A 371 -8.33 6.40 -1.88
C SER A 371 -9.62 5.67 -2.21
N ARG A 372 -10.74 6.03 -1.58
CA ARG A 372 -12.02 5.41 -1.94
C ARG A 372 -12.34 5.60 -3.42
N GLY A 373 -12.88 4.54 -4.02
CA GLY A 373 -13.41 4.66 -5.37
C GLY A 373 -14.73 3.96 -5.51
N ASP A 374 -15.24 3.91 -6.74
CA ASP A 374 -16.47 3.16 -7.00
C ASP A 374 -16.23 1.67 -6.98
N ASP A 375 -14.97 1.24 -7.03
CA ASP A 375 -14.60 -0.18 -7.01
C ASP A 375 -14.57 -0.74 -5.60
N TYR A 376 -13.91 -0.03 -4.69
CA TYR A 376 -13.84 -0.46 -3.29
C TYR A 376 -13.42 0.73 -2.45
MN MN B . -0.53 -1.37 1.20
MN MN C . 0.01 -0.43 4.32
#